data_1OWQ
#
_entry.id   1OWQ
#
_cell.length_a   62.149
_cell.length_b   67.018
_cell.length_c   107.812
_cell.angle_alpha   90.00
_cell.angle_beta   90.00
_cell.angle_gamma   90.00
#
_symmetry.space_group_name_H-M   'P 21 21 21'
#
loop_
_entity.id
_entity.type
_entity.pdbx_description
1 polymer 'signal processing protein'
2 branched 2-acetamido-2-deoxy-alpha-D-glucopyranose-(1-4)-2-acetamido-2-deoxy-beta-D-glucopyranose-(1-4)-2-acetamido-2-deoxy-beta-D-glucopyranose
3 water water
#
_entity_poly.entity_id   1
_entity_poly.type   'polypeptide(L)'
_entity_poly.pdbx_seq_one_letter_code
;YKLICYYTSWSQYREGDGSCFPDAIDPFLCTHVIYSFANISNNEIDTWEWNDVTLYDTLNTLKNRNPNLKTLLSVGGWNF
GSERFSKIASKTQSRRTFIKSVPPFLRTHGFDGLDLAWLYPGWRDKRHLTTLVKEMKAEFVREAQAGTEQLLLSAAVPAG
KIAIDRGYDIAQISRHLDFISLLTYDFHGGWRGTVGHHSPLFRGNSDGSSRFSNADYAVSYMLRLGAPANKLVMGIPTFG
RSYTLASSKTDVGAPISGPGIPGQFTKEKGTLAYYEICDFLHGATTHRFRDQQVPYATKGNQWVAYDDQESVKNKARYLK
NRQLAGAMVWALDLDDFRGTFCGQNLTFPLTSAIKDVLARV
;
_entity_poly.pdbx_strand_id   A
#
# COMPACT_ATOMS: atom_id res chain seq x y z
N TYR A 1 -9.32 -0.31 -16.03
CA TYR A 1 -8.97 -0.08 -14.59
C TYR A 1 -7.56 -0.55 -14.27
N LYS A 2 -6.95 0.06 -13.27
CA LYS A 2 -5.61 -0.32 -12.86
C LYS A 2 -5.68 -1.14 -11.58
N LEU A 3 -4.79 -2.10 -11.44
CA LEU A 3 -4.72 -2.92 -10.24
C LEU A 3 -3.24 -2.90 -9.86
N ILE A 4 -2.89 -2.04 -8.92
CA ILE A 4 -1.51 -1.87 -8.49
C ILE A 4 -1.21 -2.75 -7.28
N CYS A 5 -0.23 -3.64 -7.42
CA CYS A 5 0.08 -4.54 -6.33
C CYS A 5 1.52 -4.47 -5.82
N TYR A 6 1.67 -4.27 -4.51
CA TYR A 6 2.98 -4.20 -3.91
C TYR A 6 3.51 -5.56 -3.51
N TYR A 7 4.82 -5.73 -3.65
CA TYR A 7 5.49 -6.94 -3.24
C TYR A 7 6.61 -6.45 -2.31
N THR A 8 6.76 -7.06 -1.14
CA THR A 8 7.79 -6.62 -0.22
C THR A 8 9.01 -7.55 -0.14
N SER A 9 10.19 -6.94 -0.22
CA SER A 9 11.49 -7.61 -0.17
C SER A 9 11.72 -8.55 0.99
N TRP A 10 11.32 -8.13 2.18
CA TRP A 10 11.54 -8.92 3.37
C TRP A 10 10.61 -10.11 3.53
N SER A 11 9.63 -10.26 2.66
CA SER A 11 8.72 -11.39 2.79
C SER A 11 9.40 -12.70 2.43
N GLN A 12 10.57 -12.61 1.80
CA GLN A 12 11.33 -13.79 1.41
C GLN A 12 11.90 -14.54 2.62
N TYR A 13 12.09 -13.83 3.72
CA TYR A 13 12.66 -14.42 4.93
C TYR A 13 11.69 -15.12 5.88
N ARG A 14 10.40 -15.11 5.55
CA ARG A 14 9.41 -15.76 6.40
C ARG A 14 9.54 -17.28 6.28
N GLU A 15 9.60 -17.97 7.41
CA GLU A 15 9.77 -19.42 7.37
C GLU A 15 8.59 -20.19 6.78
N GLY A 16 8.86 -21.43 6.39
CA GLY A 16 7.83 -22.28 5.82
C GLY A 16 7.13 -21.67 4.62
N ASP A 17 5.86 -22.02 4.45
CA ASP A 17 5.07 -21.50 3.34
C ASP A 17 4.96 -19.98 3.35
N GLY A 18 5.28 -19.38 4.49
CA GLY A 18 5.23 -17.93 4.60
C GLY A 18 6.18 -17.23 3.64
N SER A 19 7.28 -17.90 3.30
CA SER A 19 8.27 -17.33 2.39
C SER A 19 7.64 -17.03 1.02
N CYS A 20 7.86 -15.83 0.52
CA CYS A 20 7.29 -15.43 -0.76
C CYS A 20 8.32 -14.76 -1.67
N PHE A 21 8.51 -15.32 -2.85
CA PHE A 21 9.43 -14.75 -3.83
C PHE A 21 8.62 -14.25 -5.01
N PRO A 22 9.14 -13.25 -5.76
CA PRO A 22 8.46 -12.67 -6.92
C PRO A 22 7.88 -13.77 -7.80
N ASP A 23 8.58 -14.90 -7.75
CA ASP A 23 8.30 -16.13 -8.48
C ASP A 23 6.83 -16.58 -8.33
N ALA A 24 6.26 -16.35 -7.15
CA ALA A 24 4.90 -16.78 -6.87
C ALA A 24 3.80 -15.86 -7.40
N ILE A 25 4.17 -14.73 -7.97
CA ILE A 25 3.19 -13.78 -8.49
C ILE A 25 2.61 -14.15 -9.85
N ASP A 26 1.28 -14.23 -9.92
CA ASP A 26 0.57 -14.53 -11.16
C ASP A 26 0.73 -13.32 -12.07
N PRO A 27 1.38 -13.47 -13.24
CA PRO A 27 1.63 -12.41 -14.23
C PRO A 27 0.41 -11.66 -14.75
N PHE A 28 -0.74 -12.31 -14.73
CA PHE A 28 -1.98 -11.72 -15.23
C PHE A 28 -2.93 -11.21 -14.15
N LEU A 29 -2.51 -11.31 -12.90
CA LEU A 29 -3.35 -10.86 -11.79
C LEU A 29 -3.46 -9.32 -11.71
N CYS A 30 -2.31 -8.68 -11.61
CA CYS A 30 -2.24 -7.22 -11.50
C CYS A 30 -1.80 -6.57 -12.81
N THR A 31 -2.03 -5.26 -12.94
CA THR A 31 -1.62 -4.54 -14.14
C THR A 31 -0.25 -3.94 -13.86
N HIS A 32 0.01 -3.63 -12.59
CA HIS A 32 1.28 -3.05 -12.16
C HIS A 32 1.72 -3.72 -10.86
N VAL A 33 2.99 -4.09 -10.78
CA VAL A 33 3.54 -4.68 -9.57
C VAL A 33 4.69 -3.77 -9.11
N ILE A 34 4.65 -3.38 -7.84
CA ILE A 34 5.67 -2.50 -7.29
C ILE A 34 6.53 -3.22 -6.27
N TYR A 35 7.84 -3.22 -6.51
CA TYR A 35 8.82 -3.86 -5.63
C TYR A 35 9.08 -2.90 -4.50
N SER A 36 8.79 -3.35 -3.29
CA SER A 36 8.92 -2.48 -2.16
C SER A 36 10.21 -2.29 -1.45
N PHE A 37 10.65 -1.05 -1.66
CA PHE A 37 11.78 -0.38 -1.09
C PHE A 37 13.23 -0.56 -1.48
N ALA A 38 13.65 0.47 -2.19
CA ALA A 38 14.99 0.65 -2.66
C ALA A 38 15.52 1.61 -1.59
N ASN A 39 16.82 1.70 -1.48
CA ASN A 39 17.45 2.58 -0.50
C ASN A 39 18.06 3.76 -1.23
N ILE A 40 18.67 4.67 -0.48
CA ILE A 40 19.36 5.80 -1.08
C ILE A 40 20.69 5.89 -0.35
N SER A 41 21.77 5.67 -1.10
CA SER A 41 23.12 5.72 -0.55
C SER A 41 23.93 6.64 -1.44
N ASN A 42 24.78 7.45 -0.83
CA ASN A 42 25.61 8.37 -1.59
C ASN A 42 24.71 9.25 -2.43
N ASN A 43 23.50 9.51 -1.91
CA ASN A 43 22.50 10.33 -2.60
C ASN A 43 22.04 9.75 -3.93
N GLU A 44 22.20 8.46 -4.09
CA GLU A 44 21.76 7.78 -5.31
C GLU A 44 20.84 6.63 -4.95
N ILE A 45 19.88 6.33 -5.80
CA ILE A 45 18.99 5.23 -5.53
C ILE A 45 19.87 3.98 -5.50
N ASP A 46 19.52 3.01 -4.67
CA ASP A 46 20.33 1.81 -4.58
C ASP A 46 19.52 0.65 -4.02
N THR A 47 20.09 -0.55 -4.11
CA THR A 47 19.44 -1.76 -3.61
C THR A 47 19.34 -1.70 -2.09
N TRP A 48 18.49 -2.55 -1.53
CA TRP A 48 18.30 -2.62 -0.09
C TRP A 48 18.75 -3.99 0.41
N GLU A 49 18.09 -5.04 -0.07
CA GLU A 49 18.43 -6.41 0.32
C GLU A 49 19.70 -6.89 -0.41
N TRP A 50 20.42 -7.81 0.23
CA TRP A 50 21.65 -8.34 -0.33
C TRP A 50 21.45 -9.00 -1.69
N ASN A 51 20.30 -9.64 -1.88
CA ASN A 51 20.02 -10.33 -3.13
C ASN A 51 18.98 -9.62 -4.01
N ASP A 52 18.76 -8.32 -3.77
CA ASP A 52 17.78 -7.58 -4.56
C ASP A 52 18.03 -7.68 -6.06
N VAL A 53 19.28 -7.53 -6.49
CA VAL A 53 19.57 -7.61 -7.93
C VAL A 53 19.01 -8.88 -8.55
N THR A 54 19.02 -9.97 -7.79
CA THR A 54 18.49 -11.24 -8.29
C THR A 54 16.96 -11.19 -8.28
N LEU A 55 16.38 -10.69 -7.21
CA LEU A 55 14.93 -10.61 -7.10
C LEU A 55 14.36 -9.67 -8.15
N TYR A 56 15.06 -8.57 -8.45
CA TYR A 56 14.59 -7.65 -9.48
C TYR A 56 14.42 -8.44 -10.76
N ASP A 57 15.43 -9.26 -11.04
CA ASP A 57 15.47 -10.10 -12.23
C ASP A 57 14.32 -11.10 -12.24
N THR A 58 14.06 -11.74 -11.11
CA THR A 58 12.99 -12.72 -11.00
C THR A 58 11.63 -12.05 -11.24
N LEU A 59 11.45 -10.86 -10.67
CA LEU A 59 10.19 -10.13 -10.83
C LEU A 59 9.97 -9.72 -12.29
N ASN A 60 10.97 -9.07 -12.87
CA ASN A 60 10.86 -8.59 -14.24
C ASN A 60 10.74 -9.68 -15.33
N THR A 61 11.05 -10.93 -15.00
CA THR A 61 10.92 -12.00 -15.98
C THR A 61 9.44 -12.32 -16.19
N LEU A 62 8.60 -11.91 -15.24
CA LEU A 62 7.16 -12.14 -15.35
C LEU A 62 6.63 -11.46 -16.60
N LYS A 63 7.37 -10.47 -17.07
CA LYS A 63 7.00 -9.73 -18.26
C LYS A 63 7.17 -10.58 -19.50
N ASN A 64 7.88 -11.71 -19.36
CA ASN A 64 8.05 -12.61 -20.49
C ASN A 64 6.74 -13.34 -20.74
N ARG A 65 5.94 -13.50 -19.69
CA ARG A 65 4.66 -14.17 -19.80
C ARG A 65 3.54 -13.17 -20.08
N ASN A 66 3.64 -11.99 -19.48
CA ASN A 66 2.64 -10.94 -19.70
C ASN A 66 3.38 -9.66 -20.06
N PRO A 67 3.64 -9.44 -21.36
CA PRO A 67 4.35 -8.28 -21.92
C PRO A 67 3.72 -6.95 -21.55
N ASN A 68 2.45 -6.96 -21.19
CA ASN A 68 1.77 -5.72 -20.81
C ASN A 68 1.94 -5.35 -19.35
N LEU A 69 2.46 -6.29 -18.55
CA LEU A 69 2.67 -6.06 -17.13
C LEU A 69 3.72 -4.97 -16.93
N LYS A 70 3.44 -4.03 -16.03
CA LYS A 70 4.38 -2.94 -15.72
C LYS A 70 4.90 -3.11 -14.29
N THR A 71 6.18 -2.81 -14.09
CA THR A 71 6.76 -2.91 -12.75
C THR A 71 7.41 -1.60 -12.36
N LEU A 72 7.34 -1.27 -11.08
CA LEU A 72 7.96 -0.06 -10.58
C LEU A 72 8.75 -0.39 -9.32
N LEU A 73 9.71 0.46 -9.01
CA LEU A 73 10.53 0.28 -7.82
C LEU A 73 10.13 1.42 -6.88
N SER A 74 9.84 1.08 -5.63
CA SER A 74 9.43 2.11 -4.67
C SER A 74 10.61 2.52 -3.77
N VAL A 75 10.83 3.83 -3.64
CA VAL A 75 11.93 4.35 -2.79
C VAL A 75 11.34 4.89 -1.50
N GLY A 76 12.00 4.59 -0.39
CA GLY A 76 11.52 5.10 0.89
C GLY A 76 10.99 4.00 1.78
N GLY A 77 9.76 4.16 2.23
CA GLY A 77 9.16 3.17 3.10
C GLY A 77 9.25 3.58 4.57
N TRP A 78 8.68 2.76 5.44
CA TRP A 78 8.67 3.03 6.89
C TRP A 78 10.04 3.01 7.56
N ASN A 79 10.84 1.99 7.27
CA ASN A 79 12.16 1.88 7.88
C ASN A 79 13.14 2.92 7.35
N PHE A 80 12.69 3.69 6.36
CA PHE A 80 13.51 4.74 5.77
C PHE A 80 13.21 6.03 6.52
N GLY A 81 14.23 6.60 7.16
CA GLY A 81 14.03 7.83 7.91
C GLY A 81 13.54 8.99 7.07
N SER A 82 12.33 9.47 7.34
CA SER A 82 11.78 10.59 6.59
C SER A 82 12.73 11.77 6.65
N GLU A 83 13.46 11.89 7.75
CA GLU A 83 14.43 12.97 7.91
C GLU A 83 15.47 12.84 6.80
N ARG A 84 15.78 11.60 6.44
CA ARG A 84 16.75 11.33 5.38
C ARG A 84 16.22 11.82 4.05
N PHE A 85 14.94 11.57 3.79
CA PHE A 85 14.34 12.02 2.54
C PHE A 85 14.33 13.54 2.54
N SER A 86 14.02 14.12 3.69
CA SER A 86 13.96 15.57 3.83
C SER A 86 15.29 16.25 3.48
N LYS A 87 16.38 15.69 3.99
CA LYS A 87 17.69 16.25 3.72
C LYS A 87 18.09 16.16 2.25
N ILE A 88 17.65 15.09 1.58
CA ILE A 88 17.95 14.89 0.17
C ILE A 88 17.20 15.89 -0.70
N ALA A 89 15.89 15.99 -0.49
CA ALA A 89 15.04 16.88 -1.27
C ALA A 89 15.28 18.38 -1.03
N SER A 90 15.62 18.74 0.20
CA SER A 90 15.85 20.15 0.56
C SER A 90 17.04 20.81 -0.13
N LYS A 91 18.04 20.02 -0.49
CA LYS A 91 19.23 20.56 -1.13
C LYS A 91 19.33 20.26 -2.63
N THR A 92 19.36 21.30 -3.44
CA THR A 92 19.43 21.15 -4.89
C THR A 92 20.55 20.18 -5.28
N GLN A 93 21.70 20.33 -4.63
CA GLN A 93 22.86 19.49 -4.88
C GLN A 93 22.56 18.00 -4.69
N SER A 94 21.97 17.67 -3.55
CA SER A 94 21.64 16.30 -3.21
C SER A 94 20.47 15.79 -4.05
N ARG A 95 19.47 16.64 -4.21
CA ARG A 95 18.27 16.32 -4.96
C ARG A 95 18.57 16.00 -6.42
N ARG A 96 19.41 16.83 -7.03
CA ARG A 96 19.77 16.65 -8.44
C ARG A 96 20.58 15.38 -8.65
N THR A 97 21.43 15.03 -7.69
CA THR A 97 22.24 13.82 -7.79
C THR A 97 21.33 12.59 -7.73
N PHE A 98 20.36 12.63 -6.82
CA PHE A 98 19.42 11.52 -6.67
C PHE A 98 18.60 11.32 -7.94
N ILE A 99 17.97 12.39 -8.41
CA ILE A 99 17.16 12.36 -9.61
C ILE A 99 17.96 11.79 -10.79
N LYS A 100 19.17 12.30 -10.96
CA LYS A 100 20.06 11.88 -12.05
C LYS A 100 20.34 10.38 -12.05
N SER A 101 20.39 9.78 -10.86
CA SER A 101 20.70 8.37 -10.74
C SER A 101 19.56 7.39 -10.95
N VAL A 102 18.33 7.87 -10.95
CA VAL A 102 17.19 6.97 -11.10
C VAL A 102 16.98 6.30 -12.47
N PRO A 103 16.86 7.08 -13.55
CA PRO A 103 16.65 6.42 -14.86
C PRO A 103 17.64 5.29 -15.18
N PRO A 104 18.96 5.55 -15.09
CA PRO A 104 19.95 4.51 -15.39
C PRO A 104 19.76 3.24 -14.56
N PHE A 105 19.45 3.43 -13.28
CA PHE A 105 19.24 2.32 -12.34
C PHE A 105 17.99 1.53 -12.74
N LEU A 106 16.90 2.24 -13.01
CA LEU A 106 15.65 1.62 -13.41
C LEU A 106 15.84 0.86 -14.71
N ARG A 107 16.55 1.47 -15.65
CA ARG A 107 16.81 0.87 -16.97
C ARG A 107 17.65 -0.39 -16.82
N THR A 108 18.68 -0.32 -15.98
CA THR A 108 19.56 -1.45 -15.78
C THR A 108 18.85 -2.68 -15.24
N HIS A 109 17.94 -2.48 -14.29
CA HIS A 109 17.24 -3.60 -13.69
C HIS A 109 15.89 -3.97 -14.28
N GLY A 110 15.48 -3.26 -15.34
CA GLY A 110 14.24 -3.58 -16.01
C GLY A 110 12.92 -3.03 -15.52
N PHE A 111 12.96 -2.00 -14.67
CA PHE A 111 11.75 -1.40 -14.16
C PHE A 111 11.16 -0.38 -15.13
N ASP A 112 9.85 -0.22 -15.08
CA ASP A 112 9.14 0.70 -15.97
C ASP A 112 8.84 2.03 -15.28
N GLY A 113 9.24 2.17 -14.01
CA GLY A 113 8.97 3.40 -13.31
C GLY A 113 9.39 3.44 -11.85
N LEU A 114 9.17 4.60 -11.25
CA LEU A 114 9.54 4.82 -9.86
C LEU A 114 8.34 5.22 -9.03
N ASP A 115 8.24 4.64 -7.83
CA ASP A 115 7.16 4.95 -6.88
C ASP A 115 7.82 5.68 -5.71
N LEU A 116 7.30 6.85 -5.37
CA LEU A 116 7.85 7.63 -4.25
C LEU A 116 7.09 7.31 -2.98
N ALA A 117 7.79 6.72 -2.02
CA ALA A 117 7.16 6.38 -0.75
C ALA A 117 7.83 7.15 0.38
N TRP A 118 7.78 8.48 0.28
CA TRP A 118 8.34 9.34 1.32
C TRP A 118 7.27 9.28 2.38
N LEU A 119 7.47 8.49 3.41
CA LEU A 119 6.44 8.38 4.39
C LEU A 119 6.37 9.47 5.43
N TYR A 120 5.56 10.46 5.04
CA TYR A 120 5.21 11.60 5.84
C TYR A 120 6.14 12.78 5.91
N PRO A 121 6.00 13.69 4.94
CA PRO A 121 6.84 14.89 4.91
C PRO A 121 6.16 15.81 5.95
N GLY A 122 6.96 16.65 6.62
CA GLY A 122 6.38 17.55 7.61
C GLY A 122 5.88 18.78 6.89
N TRP A 123 5.42 19.79 7.63
CA TRP A 123 4.95 21.01 6.99
C TRP A 123 6.10 21.78 6.37
N ARG A 124 7.31 21.60 6.90
CA ARG A 124 8.46 22.30 6.33
C ARG A 124 8.90 21.65 5.01
N ASP A 125 8.50 20.39 4.79
CA ASP A 125 8.88 19.64 3.58
C ASP A 125 7.94 19.74 2.38
N LYS A 126 6.68 20.12 2.61
CA LYS A 126 5.70 20.20 1.53
C LYS A 126 6.23 20.80 0.23
N ARG A 127 6.89 21.95 0.34
CA ARG A 127 7.45 22.64 -0.83
C ARG A 127 8.51 21.79 -1.55
N HIS A 128 9.38 21.17 -0.77
CA HIS A 128 10.44 20.36 -1.35
C HIS A 128 9.91 19.07 -1.99
N LEU A 129 8.77 18.60 -1.53
CA LEU A 129 8.19 17.39 -2.10
C LEU A 129 7.74 17.76 -3.52
N THR A 130 7.07 18.90 -3.63
CA THR A 130 6.60 19.38 -4.92
C THR A 130 7.75 19.52 -5.91
N THR A 131 8.85 20.10 -5.45
CA THR A 131 10.03 20.30 -6.28
C THR A 131 10.60 18.95 -6.73
N LEU A 132 10.68 18.00 -5.80
CA LEU A 132 11.21 16.67 -6.11
C LEU A 132 10.42 16.01 -7.23
N VAL A 133 9.09 16.01 -7.10
CA VAL A 133 8.21 15.40 -8.09
C VAL A 133 8.34 16.09 -9.45
N LYS A 134 8.31 17.42 -9.47
CA LYS A 134 8.42 18.17 -10.72
C LYS A 134 9.72 17.87 -11.44
N GLU A 135 10.83 18.00 -10.73
CA GLU A 135 12.15 17.76 -11.30
C GLU A 135 12.39 16.31 -11.70
N MET A 136 11.82 15.37 -10.94
CA MET A 136 11.97 13.96 -11.26
C MET A 136 11.25 13.66 -12.58
N LYS A 137 10.05 14.20 -12.71
CA LYS A 137 9.24 14.00 -13.92
C LYS A 137 9.91 14.66 -15.13
N ALA A 138 10.44 15.87 -14.93
CA ALA A 138 11.10 16.58 -16.03
C ALA A 138 12.29 15.75 -16.55
N GLU A 139 12.93 15.02 -15.64
CA GLU A 139 14.06 14.18 -16.00
C GLU A 139 13.59 12.94 -16.77
N PHE A 140 12.45 12.40 -16.36
CA PHE A 140 11.90 11.23 -17.05
C PHE A 140 11.48 11.63 -18.47
N VAL A 141 10.94 12.84 -18.60
CA VAL A 141 10.51 13.33 -19.91
C VAL A 141 11.72 13.47 -20.83
N ARG A 142 12.79 14.01 -20.27
CA ARG A 142 14.03 14.24 -21.00
C ARG A 142 14.70 12.93 -21.40
N GLU A 143 14.67 11.94 -20.50
CA GLU A 143 15.28 10.65 -20.77
C GLU A 143 14.57 9.89 -21.89
N ALA A 144 13.28 10.15 -22.07
CA ALA A 144 12.51 9.47 -23.10
C ALA A 144 12.84 9.95 -24.52
N GLN A 145 13.59 11.04 -24.62
CA GLN A 145 13.98 11.57 -25.93
C GLN A 145 14.94 10.58 -26.58
N ALA A 146 15.50 9.69 -25.78
CA ALA A 146 16.45 8.69 -26.27
C ALA A 146 15.77 7.56 -27.04
N GLY A 147 14.45 7.63 -27.16
CA GLY A 147 13.73 6.62 -27.92
C GLY A 147 13.09 5.50 -27.13
N THR A 148 13.20 5.55 -25.81
CA THR A 148 12.62 4.50 -25.00
C THR A 148 11.31 4.97 -24.35
N GLU A 149 10.48 4.02 -23.93
CA GLU A 149 9.21 4.31 -23.28
C GLU A 149 9.42 5.14 -22.02
N GLN A 150 8.77 6.30 -21.95
CA GLN A 150 8.91 7.17 -20.79
C GLN A 150 8.61 6.47 -19.47
N LEU A 151 9.49 6.67 -18.49
CA LEU A 151 9.33 6.07 -17.17
C LEU A 151 8.10 6.61 -16.45
N LEU A 152 7.43 5.74 -15.70
CA LEU A 152 6.24 6.13 -14.95
C LEU A 152 6.68 6.69 -13.59
N LEU A 153 5.88 7.60 -13.05
CA LEU A 153 6.17 8.20 -11.76
C LEU A 153 4.90 8.16 -10.94
N SER A 154 4.96 7.49 -9.79
CA SER A 154 3.80 7.41 -8.91
C SER A 154 4.23 7.78 -7.50
N ALA A 155 3.26 7.89 -6.61
CA ALA A 155 3.56 8.20 -5.23
C ALA A 155 2.50 7.60 -4.32
N ALA A 156 2.94 7.17 -3.15
CA ALA A 156 2.05 6.61 -2.14
C ALA A 156 1.73 7.78 -1.22
N VAL A 157 0.44 8.03 -0.98
CA VAL A 157 0.02 9.15 -0.15
C VAL A 157 -0.93 8.72 0.97
N PRO A 158 -0.64 9.13 2.22
CA PRO A 158 -1.50 8.78 3.36
C PRO A 158 -2.91 9.32 3.15
N ALA A 159 -3.89 8.68 3.78
CA ALA A 159 -5.27 9.11 3.63
C ALA A 159 -5.75 9.95 4.79
N GLY A 160 -4.87 10.20 5.75
CA GLY A 160 -5.26 10.99 6.91
C GLY A 160 -5.31 12.48 6.59
N LYS A 161 -6.45 13.09 6.88
CA LYS A 161 -6.71 14.50 6.64
C LYS A 161 -5.54 15.40 7.08
N ILE A 162 -5.13 15.27 8.33
CA ILE A 162 -4.04 16.08 8.84
C ILE A 162 -2.72 15.86 8.10
N ALA A 163 -2.41 14.58 7.83
CA ALA A 163 -1.19 14.23 7.12
C ALA A 163 -1.15 14.87 5.74
N ILE A 164 -2.28 14.84 5.05
CA ILE A 164 -2.36 15.43 3.71
C ILE A 164 -2.15 16.94 3.71
N ASP A 165 -2.88 17.65 4.57
CA ASP A 165 -2.78 19.10 4.65
C ASP A 165 -1.39 19.58 5.05
N ARG A 166 -0.76 18.83 5.94
CA ARG A 166 0.55 19.16 6.45
C ARG A 166 1.71 19.03 5.46
N GLY A 167 1.73 17.98 4.66
CA GLY A 167 2.86 17.83 3.76
C GLY A 167 2.64 17.56 2.28
N TYR A 168 1.41 17.72 1.79
CA TYR A 168 1.16 17.44 0.38
C TYR A 168 0.39 18.51 -0.37
N ASP A 169 1.00 19.04 -1.42
CA ASP A 169 0.35 20.02 -2.26
C ASP A 169 -0.26 19.19 -3.40
N ILE A 170 -1.36 18.51 -3.09
CA ILE A 170 -2.05 17.64 -4.04
C ILE A 170 -2.33 18.24 -5.42
N ALA A 171 -2.84 19.45 -5.46
CA ALA A 171 -3.16 20.10 -6.74
C ALA A 171 -1.93 20.16 -7.64
N GLN A 172 -0.77 20.47 -7.05
CA GLN A 172 0.49 20.57 -7.78
C GLN A 172 1.11 19.24 -8.20
N ILE A 173 1.28 18.31 -7.26
CA ILE A 173 1.92 17.05 -7.63
C ILE A 173 1.08 16.16 -8.52
N SER A 174 -0.25 16.33 -8.46
CA SER A 174 -1.15 15.54 -9.28
C SER A 174 -0.89 15.68 -10.78
N ARG A 175 -0.48 16.86 -11.22
CA ARG A 175 -0.22 17.05 -12.64
C ARG A 175 1.08 16.45 -13.14
N HIS A 176 1.96 16.05 -12.23
CA HIS A 176 3.24 15.45 -12.63
C HIS A 176 3.30 13.93 -12.45
N LEU A 177 2.44 13.41 -11.58
CA LEU A 177 2.41 11.98 -11.30
C LEU A 177 1.51 11.21 -12.25
N ASP A 178 1.87 9.97 -12.56
CA ASP A 178 1.04 9.15 -13.44
C ASP A 178 -0.15 8.58 -12.66
N PHE A 179 0.07 8.29 -11.38
CA PHE A 179 -0.99 7.84 -10.51
C PHE A 179 -0.61 8.03 -9.05
N ILE A 180 -1.63 8.15 -8.21
CA ILE A 180 -1.43 8.35 -6.78
C ILE A 180 -2.18 7.26 -6.04
N SER A 181 -1.48 6.54 -5.16
CA SER A 181 -2.09 5.48 -4.38
C SER A 181 -2.47 6.05 -3.01
N LEU A 182 -3.74 5.97 -2.65
CA LEU A 182 -4.21 6.46 -1.36
C LEU A 182 -4.12 5.33 -0.32
N LEU A 183 -3.34 5.54 0.73
CA LEU A 183 -3.15 4.52 1.76
C LEU A 183 -4.33 4.49 2.72
N THR A 184 -5.49 4.15 2.19
CA THR A 184 -6.72 4.12 2.95
C THR A 184 -6.88 2.89 3.85
N TYR A 185 -5.90 2.64 4.71
CA TYR A 185 -5.95 1.50 5.61
C TYR A 185 -5.15 1.70 6.90
N ASP A 186 -4.97 2.95 7.30
CA ASP A 186 -4.22 3.25 8.51
C ASP A 186 -5.02 4.23 9.37
N PHE A 187 -6.34 4.02 9.40
CA PHE A 187 -7.25 4.87 10.17
C PHE A 187 -7.36 4.52 11.65
N HIS A 188 -6.52 3.63 12.14
CA HIS A 188 -6.56 3.21 13.54
C HIS A 188 -5.42 2.24 13.79
N GLY A 189 -5.00 2.07 15.05
CA GLY A 189 -3.94 1.13 15.32
C GLY A 189 -2.98 1.33 16.47
N GLY A 190 -3.30 0.75 17.62
CA GLY A 190 -2.42 0.82 18.77
C GLY A 190 -2.32 2.11 19.57
N TRP A 191 -1.86 3.19 18.94
CA TRP A 191 -1.70 4.47 19.63
C TRP A 191 -2.86 4.83 20.55
N ARG A 192 -3.96 4.09 20.43
CA ARG A 192 -5.11 4.34 21.29
C ARG A 192 -5.54 3.11 22.08
N GLY A 193 -5.79 3.32 23.37
CA GLY A 193 -6.19 2.22 24.22
C GLY A 193 -7.57 1.67 23.92
N THR A 194 -8.01 1.79 22.66
CA THR A 194 -9.31 1.27 22.28
C THR A 194 -9.26 0.42 21.02
N VAL A 195 -10.31 -0.37 20.83
CA VAL A 195 -10.43 -1.23 19.66
C VAL A 195 -11.10 -0.46 18.54
N GLY A 196 -10.69 -0.73 17.29
CA GLY A 196 -11.28 -0.04 16.16
C GLY A 196 -10.79 -0.60 14.84
N HIS A 197 -11.45 -0.22 13.75
CA HIS A 197 -11.06 -0.71 12.44
C HIS A 197 -10.20 0.30 11.69
N HIS A 198 -9.11 -0.20 11.10
CA HIS A 198 -8.14 0.61 10.36
C HIS A 198 -8.50 0.93 8.92
N SER A 199 -9.46 0.22 8.35
CA SER A 199 -9.83 0.47 6.96
C SER A 199 -11.36 0.57 6.71
N PRO A 200 -12.07 1.35 7.51
CA PRO A 200 -13.51 1.45 7.26
C PRO A 200 -13.81 2.16 5.94
N LEU A 201 -14.84 1.72 5.24
CA LEU A 201 -15.20 2.35 3.98
C LEU A 201 -16.03 3.60 4.22
N PHE A 202 -16.95 3.52 5.18
CA PHE A 202 -17.81 4.66 5.51
C PHE A 202 -17.65 5.09 6.97
N ARG A 203 -18.03 6.33 7.22
CA ARG A 203 -17.93 6.95 8.54
C ARG A 203 -18.57 6.15 9.67
N GLY A 204 -19.81 5.71 9.49
CA GLY A 204 -20.47 4.97 10.53
C GLY A 204 -21.08 5.95 11.53
N ASN A 205 -22.34 6.30 11.28
CA ASN A 205 -23.10 7.23 12.11
C ASN A 205 -22.89 7.18 13.61
N SER A 206 -22.29 6.10 14.11
CA SER A 206 -22.05 5.96 15.54
C SER A 206 -21.20 7.10 16.12
N ASP A 207 -19.88 6.99 15.98
CA ASP A 207 -18.99 8.03 16.51
C ASP A 207 -19.10 9.29 15.67
N GLY A 208 -18.37 10.33 16.07
CA GLY A 208 -18.42 11.58 15.34
C GLY A 208 -17.11 12.36 15.30
N SER A 209 -16.34 12.27 16.37
CA SER A 209 -15.06 12.97 16.46
C SER A 209 -14.21 12.78 15.22
N SER A 210 -14.27 11.60 14.62
CA SER A 210 -13.49 11.31 13.43
C SER A 210 -14.32 10.91 12.21
N ARG A 211 -15.01 11.88 11.64
CA ARG A 211 -15.79 11.62 10.43
C ARG A 211 -14.82 11.62 9.25
N PHE A 212 -13.57 11.98 9.54
CA PHE A 212 -12.52 12.03 8.52
C PHE A 212 -11.71 10.73 8.43
N SER A 213 -11.92 9.82 9.37
CA SER A 213 -11.16 8.57 9.39
C SER A 213 -11.80 7.38 8.68
N ASN A 214 -12.10 7.55 7.40
CA ASN A 214 -12.67 6.48 6.61
C ASN A 214 -12.30 6.71 5.14
N ALA A 215 -12.39 5.67 4.33
CA ALA A 215 -11.99 5.76 2.92
C ALA A 215 -12.79 6.76 2.10
N ASP A 216 -14.10 6.78 2.29
CA ASP A 216 -14.97 7.68 1.56
C ASP A 216 -14.57 9.14 1.75
N TYR A 217 -14.29 9.54 2.98
CA TYR A 217 -13.92 10.92 3.21
C TYR A 217 -12.59 11.24 2.53
N ALA A 218 -11.60 10.36 2.71
CA ALA A 218 -10.28 10.57 2.12
C ALA A 218 -10.35 10.74 0.60
N VAL A 219 -11.10 9.85 -0.06
CA VAL A 219 -11.25 9.92 -1.50
C VAL A 219 -11.90 11.24 -1.91
N SER A 220 -13.02 11.58 -1.28
CA SER A 220 -13.74 12.82 -1.57
C SER A 220 -12.84 14.03 -1.37
N TYR A 221 -12.04 14.00 -0.31
CA TYR A 221 -11.14 15.10 -0.02
C TYR A 221 -10.06 15.27 -1.10
N MET A 222 -9.50 14.16 -1.55
CA MET A 222 -8.49 14.21 -2.60
C MET A 222 -9.09 14.76 -3.88
N LEU A 223 -10.31 14.36 -4.19
CA LEU A 223 -10.96 14.85 -5.40
C LEU A 223 -11.17 16.36 -5.30
N ARG A 224 -11.45 16.83 -4.10
CA ARG A 224 -11.69 18.26 -3.88
C ARG A 224 -10.42 19.09 -3.95
N LEU A 225 -9.31 18.49 -3.52
CA LEU A 225 -8.04 19.19 -3.52
C LEU A 225 -7.41 19.31 -4.90
N GLY A 226 -8.02 18.68 -5.90
CA GLY A 226 -7.51 18.79 -7.25
C GLY A 226 -6.97 17.53 -7.90
N ALA A 227 -6.92 16.41 -7.18
CA ALA A 227 -6.43 15.18 -7.76
C ALA A 227 -7.48 14.63 -8.72
N PRO A 228 -7.11 14.47 -10.00
CA PRO A 228 -8.07 13.95 -10.99
C PRO A 228 -8.43 12.52 -10.63
N ALA A 229 -9.70 12.16 -10.79
CA ALA A 229 -10.14 10.81 -10.48
C ALA A 229 -9.39 9.76 -11.28
N ASN A 230 -9.07 10.05 -12.53
CA ASN A 230 -8.36 9.09 -13.37
C ASN A 230 -6.90 8.89 -12.98
N LYS A 231 -6.47 9.50 -11.89
CA LYS A 231 -5.10 9.33 -11.42
C LYS A 231 -5.09 8.81 -9.98
N LEU A 232 -6.27 8.74 -9.37
CA LEU A 232 -6.42 8.27 -7.99
C LEU A 232 -6.65 6.77 -7.90
N VAL A 233 -5.85 6.11 -7.06
CA VAL A 233 -5.95 4.67 -6.85
C VAL A 233 -6.22 4.44 -5.36
N MET A 234 -7.28 3.70 -5.06
CA MET A 234 -7.63 3.44 -3.67
C MET A 234 -6.95 2.21 -3.09
N GLY A 235 -6.27 2.41 -1.96
CA GLY A 235 -5.57 1.32 -1.31
C GLY A 235 -6.49 0.39 -0.56
N ILE A 236 -6.28 -0.91 -0.76
CA ILE A 236 -7.07 -1.95 -0.11
C ILE A 236 -6.07 -2.90 0.55
N PRO A 237 -6.17 -3.06 1.88
CA PRO A 237 -5.26 -3.93 2.63
C PRO A 237 -5.56 -5.40 2.48
N THR A 238 -4.49 -6.19 2.54
CA THR A 238 -4.63 -7.62 2.43
C THR A 238 -4.23 -8.24 3.77
N PHE A 239 -3.89 -7.39 4.74
CA PHE A 239 -3.53 -7.82 6.09
C PHE A 239 -4.60 -7.36 7.06
N GLY A 240 -4.41 -7.69 8.33
CA GLY A 240 -5.34 -7.28 9.37
C GLY A 240 -4.54 -6.72 10.54
N ARG A 241 -5.20 -6.00 11.44
CA ARG A 241 -4.51 -5.45 12.59
C ARG A 241 -5.07 -6.15 13.84
N SER A 242 -4.18 -6.56 14.73
CA SER A 242 -4.58 -7.27 15.94
C SER A 242 -4.32 -6.50 17.23
N TYR A 243 -5.15 -6.77 18.23
CA TYR A 243 -5.03 -6.11 19.52
C TYR A 243 -5.32 -7.09 20.65
N THR A 244 -4.74 -6.83 21.82
CA THR A 244 -4.94 -7.66 22.99
C THR A 244 -5.97 -6.93 23.86
N LEU A 245 -7.09 -7.59 24.13
CA LEU A 245 -8.15 -6.98 24.93
C LEU A 245 -7.76 -6.80 26.39
N ALA A 246 -8.14 -5.66 26.97
CA ALA A 246 -7.83 -5.37 28.36
C ALA A 246 -8.90 -5.93 29.28
N SER A 247 -10.07 -6.21 28.72
CA SER A 247 -11.20 -6.75 29.48
C SER A 247 -11.95 -7.77 28.63
N SER A 248 -13.06 -8.27 29.15
CA SER A 248 -13.86 -9.25 28.42
C SER A 248 -14.79 -8.58 27.43
N LYS A 249 -14.67 -7.26 27.31
CA LYS A 249 -15.50 -6.49 26.40
C LYS A 249 -14.95 -6.56 24.98
N THR A 250 -15.82 -6.81 24.01
CA THR A 250 -15.42 -6.94 22.63
C THR A 250 -16.08 -5.96 21.67
N ASP A 251 -17.23 -5.42 22.07
CA ASP A 251 -17.97 -4.48 21.23
C ASP A 251 -17.17 -3.21 20.95
N VAL A 252 -17.80 -2.26 20.25
CA VAL A 252 -17.17 -1.00 19.90
C VAL A 252 -16.71 -0.22 21.13
N GLY A 253 -15.44 0.19 21.13
CA GLY A 253 -14.90 0.95 22.24
C GLY A 253 -14.24 0.13 23.33
N ALA A 254 -14.11 -1.17 23.10
CA ALA A 254 -13.48 -2.06 24.08
C ALA A 254 -12.04 -1.63 24.38
N PRO A 255 -11.68 -1.58 25.67
CA PRO A 255 -10.33 -1.19 26.10
C PRO A 255 -9.24 -2.11 25.54
N ILE A 256 -8.05 -1.56 25.35
CA ILE A 256 -6.92 -2.30 24.82
C ILE A 256 -5.70 -2.14 25.69
N SER A 257 -4.84 -3.16 25.73
CA SER A 257 -3.62 -3.09 26.53
C SER A 257 -2.42 -3.04 25.60
N GLY A 258 -2.67 -3.24 24.30
CA GLY A 258 -1.59 -3.22 23.32
C GLY A 258 -1.88 -4.04 22.09
N PRO A 259 -0.91 -4.17 21.17
CA PRO A 259 -1.07 -4.94 19.94
C PRO A 259 -1.26 -6.44 20.20
N GLY A 260 -1.81 -7.15 19.22
CA GLY A 260 -2.03 -8.57 19.39
C GLY A 260 -0.74 -9.35 19.34
N ILE A 261 -0.80 -10.63 19.70
CA ILE A 261 0.39 -11.46 19.68
C ILE A 261 0.83 -11.70 18.25
N PRO A 262 2.15 -11.86 18.03
CA PRO A 262 2.68 -12.09 16.70
C PRO A 262 2.05 -13.28 16.00
N GLY A 263 2.05 -13.24 14.67
CA GLY A 263 1.51 -14.33 13.90
C GLY A 263 2.60 -15.36 13.68
N GLN A 264 2.21 -16.61 13.51
CA GLN A 264 3.15 -17.70 13.31
C GLN A 264 4.16 -17.43 12.20
N PHE A 265 3.71 -16.84 11.10
CA PHE A 265 4.61 -16.58 9.97
C PHE A 265 5.12 -15.15 9.83
N THR A 266 4.25 -14.15 10.01
CA THR A 266 4.67 -12.76 9.86
C THR A 266 5.48 -12.25 11.05
N LYS A 267 5.30 -12.89 12.20
CA LYS A 267 6.01 -12.55 13.42
C LYS A 267 6.16 -11.07 13.74
N GLU A 268 5.08 -10.33 13.58
CA GLU A 268 5.09 -8.90 13.86
C GLU A 268 3.88 -8.56 14.71
N LYS A 269 4.12 -8.06 15.92
CA LYS A 269 3.04 -7.69 16.82
C LYS A 269 2.14 -6.67 16.15
N GLY A 270 0.83 -6.85 16.30
CA GLY A 270 -0.09 -5.88 15.72
C GLY A 270 -0.62 -6.17 14.34
N THR A 271 0.04 -7.05 13.59
CA THR A 271 -0.44 -7.37 12.25
C THR A 271 -0.45 -8.86 11.98
N LEU A 272 -1.38 -9.28 11.11
CA LEU A 272 -1.50 -10.66 10.71
C LEU A 272 -1.77 -10.66 9.22
N ALA A 273 -1.16 -11.59 8.50
CA ALA A 273 -1.39 -11.70 7.06
C ALA A 273 -2.78 -12.31 6.90
N TYR A 274 -3.38 -12.17 5.73
CA TYR A 274 -4.71 -12.74 5.53
C TYR A 274 -4.70 -14.26 5.68
N TYR A 275 -3.63 -14.92 5.24
CA TYR A 275 -3.58 -16.36 5.37
C TYR A 275 -3.47 -16.77 6.83
N GLU A 276 -2.98 -15.88 7.69
CA GLU A 276 -2.90 -16.20 9.12
C GLU A 276 -4.26 -16.00 9.75
N ILE A 277 -5.00 -14.99 9.27
CA ILE A 277 -6.33 -14.70 9.79
C ILE A 277 -7.30 -15.84 9.45
N CYS A 278 -7.12 -16.46 8.29
CA CYS A 278 -7.98 -17.57 7.89
C CYS A 278 -7.86 -18.69 8.91
N ASP A 279 -6.65 -18.88 9.46
CA ASP A 279 -6.46 -19.93 10.44
C ASP A 279 -7.03 -19.46 11.77
N PHE A 280 -6.77 -18.19 12.10
CA PHE A 280 -7.25 -17.57 13.34
C PHE A 280 -8.78 -17.68 13.46
N LEU A 281 -9.49 -17.53 12.35
CA LEU A 281 -10.95 -17.58 12.35
C LEU A 281 -11.54 -18.86 12.95
N HIS A 282 -10.85 -19.98 12.79
CA HIS A 282 -11.35 -21.24 13.35
C HIS A 282 -11.44 -21.15 14.85
N GLY A 283 -12.67 -21.14 15.36
CA GLY A 283 -12.88 -21.06 16.79
C GLY A 283 -13.08 -19.63 17.24
N ALA A 284 -13.07 -18.70 16.30
CA ALA A 284 -13.25 -17.29 16.62
C ALA A 284 -14.69 -16.85 16.37
N THR A 285 -15.06 -15.72 16.96
CA THR A 285 -16.39 -15.15 16.78
C THR A 285 -16.25 -14.04 15.74
N THR A 286 -17.01 -14.13 14.66
CA THR A 286 -16.94 -13.12 13.62
C THR A 286 -18.06 -12.08 13.75
N HIS A 287 -17.74 -10.84 13.42
CA HIS A 287 -18.70 -9.76 13.50
C HIS A 287 -18.41 -8.84 12.31
N ARG A 288 -19.32 -7.90 12.06
CA ARG A 288 -19.14 -6.97 10.96
C ARG A 288 -19.80 -5.65 11.25
N PHE A 289 -19.11 -4.56 10.96
CA PHE A 289 -19.66 -3.22 11.16
C PHE A 289 -20.53 -2.95 9.94
N ARG A 290 -21.85 -2.83 10.14
CA ARG A 290 -22.74 -2.58 9.02
C ARG A 290 -22.49 -1.19 8.40
N ASP A 291 -22.27 -0.20 9.26
CA ASP A 291 -22.03 1.15 8.79
C ASP A 291 -20.67 1.28 8.08
N GLN A 292 -19.62 0.80 8.73
CA GLN A 292 -18.28 0.86 8.18
C GLN A 292 -18.07 -0.21 7.10
N GLN A 293 -18.94 -1.21 7.10
CA GLN A 293 -18.89 -2.30 6.13
C GLN A 293 -17.57 -3.07 6.06
N VAL A 294 -17.04 -3.41 7.24
CA VAL A 294 -15.80 -4.15 7.36
C VAL A 294 -15.95 -5.11 8.54
N PRO A 295 -15.31 -6.28 8.47
CA PRO A 295 -15.43 -7.22 9.59
C PRO A 295 -14.31 -7.19 10.63
N TYR A 296 -14.54 -7.94 11.70
CA TYR A 296 -13.56 -8.10 12.78
C TYR A 296 -13.91 -9.39 13.51
N ALA A 297 -12.91 -10.02 14.11
CA ALA A 297 -13.12 -11.27 14.81
C ALA A 297 -12.44 -11.26 16.17
N THR A 298 -12.91 -12.12 17.07
CA THR A 298 -12.32 -12.19 18.39
C THR A 298 -12.22 -13.63 18.86
N LYS A 299 -11.22 -13.89 19.69
CA LYS A 299 -10.96 -15.21 20.23
C LYS A 299 -10.10 -14.99 21.46
N GLY A 300 -10.53 -15.54 22.59
CA GLY A 300 -9.76 -15.36 23.81
C GLY A 300 -9.66 -13.87 24.10
N ASN A 301 -8.44 -13.37 24.24
CA ASN A 301 -8.24 -11.95 24.51
C ASN A 301 -7.70 -11.25 23.26
N GLN A 302 -7.83 -11.90 22.11
CA GLN A 302 -7.34 -11.35 20.85
C GLN A 302 -8.48 -10.80 20.00
N TRP A 303 -8.28 -9.58 19.48
CA TRP A 303 -9.27 -8.90 18.65
C TRP A 303 -8.60 -8.50 17.33
N VAL A 304 -9.19 -8.93 16.21
CA VAL A 304 -8.62 -8.63 14.90
C VAL A 304 -9.53 -7.87 13.96
N ALA A 305 -9.02 -6.80 13.38
CA ALA A 305 -9.76 -5.99 12.40
C ALA A 305 -9.16 -6.36 11.04
N TYR A 306 -9.99 -6.81 10.12
CA TYR A 306 -9.47 -7.21 8.81
C TYR A 306 -10.43 -6.96 7.64
N ASP A 307 -10.05 -7.48 6.48
CA ASP A 307 -10.85 -7.38 5.26
C ASP A 307 -11.00 -8.77 4.66
N ASP A 308 -12.19 -9.11 4.21
CA ASP A 308 -12.38 -10.41 3.59
C ASP A 308 -12.85 -10.20 2.15
N GLN A 309 -13.22 -11.28 1.47
CA GLN A 309 -13.64 -11.16 0.07
C GLN A 309 -14.79 -10.18 -0.10
N GLU A 310 -15.74 -10.22 0.82
CA GLU A 310 -16.89 -9.32 0.76
C GLU A 310 -16.53 -7.85 0.94
N SER A 311 -15.76 -7.53 1.97
CA SER A 311 -15.42 -6.13 2.22
C SER A 311 -14.56 -5.59 1.09
N VAL A 312 -13.70 -6.45 0.54
CA VAL A 312 -12.81 -6.09 -0.55
C VAL A 312 -13.58 -5.83 -1.86
N LYS A 313 -14.61 -6.64 -2.12
CA LYS A 313 -15.41 -6.45 -3.33
C LYS A 313 -16.22 -5.17 -3.19
N ASN A 314 -16.67 -4.91 -1.97
CA ASN A 314 -17.46 -3.73 -1.70
C ASN A 314 -16.66 -2.46 -1.96
N LYS A 315 -15.40 -2.44 -1.50
CA LYS A 315 -14.54 -1.28 -1.71
C LYS A 315 -14.25 -1.12 -3.20
N ALA A 316 -14.12 -2.25 -3.90
CA ALA A 316 -13.86 -2.23 -5.34
C ALA A 316 -15.06 -1.61 -6.07
N ARG A 317 -16.26 -1.96 -5.65
CA ARG A 317 -17.47 -1.43 -6.29
C ARG A 317 -17.54 0.06 -6.05
N TYR A 318 -17.10 0.47 -4.86
CA TYR A 318 -17.10 1.87 -4.49
C TYR A 318 -16.19 2.73 -5.36
N LEU A 319 -14.94 2.31 -5.56
CA LEU A 319 -14.06 3.15 -6.36
C LEU A 319 -14.50 3.16 -7.81
N LYS A 320 -15.16 2.09 -8.23
CA LYS A 320 -15.69 2.00 -9.59
C LYS A 320 -16.81 3.03 -9.72
N ASN A 321 -17.69 3.07 -8.73
CA ASN A 321 -18.80 4.02 -8.78
C ASN A 321 -18.34 5.46 -8.71
N ARG A 322 -17.16 5.69 -8.13
CA ARG A 322 -16.62 7.03 -8.07
C ARG A 322 -15.69 7.28 -9.26
N GLN A 323 -15.66 6.32 -10.17
CA GLN A 323 -14.85 6.42 -11.37
C GLN A 323 -13.36 6.70 -11.14
N LEU A 324 -12.77 6.03 -10.14
CA LEU A 324 -11.35 6.21 -9.87
C LEU A 324 -10.54 5.37 -10.87
N ALA A 325 -9.23 5.61 -10.93
CA ALA A 325 -8.35 4.91 -11.85
C ALA A 325 -8.22 3.43 -11.57
N GLY A 326 -8.35 3.05 -10.31
CA GLY A 326 -8.25 1.65 -9.96
C GLY A 326 -8.00 1.39 -8.49
N ALA A 327 -7.46 0.21 -8.20
CA ALA A 327 -7.18 -0.19 -6.83
C ALA A 327 -5.71 -0.49 -6.62
N MET A 328 -5.27 -0.33 -5.37
CA MET A 328 -3.91 -0.62 -4.97
C MET A 328 -4.03 -1.63 -3.83
N VAL A 329 -3.17 -2.63 -3.87
CA VAL A 329 -3.19 -3.67 -2.86
C VAL A 329 -1.86 -3.71 -2.13
N TRP A 330 -1.90 -3.57 -0.81
CA TRP A 330 -0.65 -3.64 -0.11
C TRP A 330 -0.32 -5.05 0.27
N ALA A 331 0.73 -5.53 -0.37
CA ALA A 331 1.27 -6.83 -0.13
C ALA A 331 0.60 -8.08 -0.67
N LEU A 332 1.01 -8.44 -1.88
CA LEU A 332 0.55 -9.67 -2.50
C LEU A 332 1.04 -10.78 -1.58
N ASP A 333 2.15 -10.54 -0.88
CA ASP A 333 2.72 -11.55 0.01
C ASP A 333 1.95 -11.74 1.32
N LEU A 334 0.96 -10.89 1.56
CA LEU A 334 0.15 -11.01 2.77
C LEU A 334 -1.20 -11.64 2.44
N ASP A 335 -1.49 -11.79 1.15
CA ASP A 335 -2.73 -12.42 0.69
C ASP A 335 -2.38 -13.92 0.76
N ASP A 336 -3.37 -14.80 0.58
CA ASP A 336 -3.08 -16.24 0.58
C ASP A 336 -2.50 -16.54 -0.80
N PHE A 337 -1.24 -16.16 -1.02
CA PHE A 337 -0.62 -16.35 -2.31
C PHE A 337 -0.45 -17.79 -2.76
N ARG A 338 -0.40 -18.73 -1.80
CA ARG A 338 -0.29 -20.14 -2.14
C ARG A 338 -1.69 -20.71 -2.34
N GLY A 339 -2.65 -20.12 -1.63
CA GLY A 339 -4.04 -20.56 -1.74
C GLY A 339 -4.29 -21.88 -1.04
N THR A 340 -3.57 -22.12 0.06
CA THR A 340 -3.72 -23.37 0.79
C THR A 340 -4.06 -23.18 2.26
N PHE A 341 -4.42 -21.95 2.65
CA PHE A 341 -4.76 -21.66 4.03
C PHE A 341 -6.25 -21.36 4.22
N CYS A 342 -6.83 -20.67 3.25
CA CYS A 342 -8.23 -20.27 3.33
C CYS A 342 -9.25 -21.15 2.63
N GLY A 343 -9.28 -22.44 2.99
CA GLY A 343 -10.22 -23.34 2.38
C GLY A 343 -10.03 -23.43 0.87
N GLN A 344 -10.94 -22.80 0.13
CA GLN A 344 -10.86 -22.80 -1.32
C GLN A 344 -9.41 -22.80 -1.81
N ASN A 345 -9.08 -23.70 -2.73
CA ASN A 345 -7.72 -23.77 -3.25
C ASN A 345 -7.49 -22.65 -4.25
N LEU A 346 -7.92 -21.45 -3.89
CA LEU A 346 -7.77 -20.29 -4.76
C LEU A 346 -6.62 -19.40 -4.29
N THR A 347 -5.62 -19.26 -5.15
CA THR A 347 -4.48 -18.42 -4.83
C THR A 347 -4.88 -16.95 -4.95
N PHE A 348 -4.40 -16.11 -4.03
CA PHE A 348 -4.73 -14.68 -4.05
C PHE A 348 -6.25 -14.45 -4.01
N PRO A 349 -6.94 -14.98 -2.99
CA PRO A 349 -8.39 -14.81 -2.88
C PRO A 349 -8.84 -13.35 -2.78
N LEU A 350 -8.12 -12.55 -2.02
CA LEU A 350 -8.49 -11.15 -1.84
C LEU A 350 -8.22 -10.33 -3.11
N THR A 351 -7.03 -10.47 -3.67
CA THR A 351 -6.66 -9.72 -4.87
C THR A 351 -7.52 -10.12 -6.07
N SER A 352 -7.86 -11.41 -6.15
CA SER A 352 -8.70 -11.93 -7.23
C SER A 352 -10.12 -11.40 -7.13
N ALA A 353 -10.60 -11.25 -5.90
CA ALA A 353 -11.95 -10.75 -5.68
C ALA A 353 -12.02 -9.32 -6.21
N ILE A 354 -10.97 -8.54 -5.96
CA ILE A 354 -10.91 -7.16 -6.43
C ILE A 354 -10.88 -7.12 -7.95
N LYS A 355 -10.05 -7.98 -8.54
CA LYS A 355 -9.93 -8.05 -9.99
C LYS A 355 -11.26 -8.40 -10.64
N ASP A 356 -12.03 -9.26 -9.98
CA ASP A 356 -13.35 -9.68 -10.49
C ASP A 356 -14.30 -8.51 -10.65
N VAL A 357 -14.39 -7.68 -9.61
CA VAL A 357 -15.26 -6.53 -9.65
C VAL A 357 -14.81 -5.53 -10.71
N LEU A 358 -13.51 -5.27 -10.75
CA LEU A 358 -12.97 -4.34 -11.73
C LEU A 358 -13.17 -4.84 -13.16
N ALA A 359 -13.17 -6.15 -13.33
CA ALA A 359 -13.36 -6.78 -14.65
C ALA A 359 -14.80 -6.59 -15.12
N ARG A 360 -15.74 -6.65 -14.20
CA ARG A 360 -17.13 -6.44 -14.54
C ARG A 360 -17.21 -4.93 -14.82
N VAL A 361 -16.75 -4.15 -13.84
CA VAL A 361 -16.71 -2.70 -13.93
C VAL A 361 -15.77 -2.24 -12.82
#